data_4FX4
#
_entry.id   4FX4
#
_cell.length_a   146.585
_cell.length_b   146.585
_cell.length_c   53.887
_cell.angle_alpha   90.00
_cell.angle_beta   90.00
_cell.angle_gamma   120.00
#
_symmetry.space_group_name_H-M   'H 3'
#
loop_
_entity.id
_entity.type
_entity.pdbx_description
1 polymer "DNA (5'-D(*TP*AP*CP*AP*GP*AP*TP*TP*CP*GP*TP*GP*TP*AP*GP*CP*TP*AP*CP*AP*CP*GP*AP*AP*TP*CP*TP*GP*T)-3')"
2 polymer 'PROBABLE TRANSCRIPTIONAL REPRESSOR PROTEIN'
3 non-polymer 'PHOSPHATE ION'
#
loop_
_entity_poly.entity_id
_entity_poly.type
_entity_poly.pdbx_seq_one_letter_code
_entity_poly.pdbx_strand_id
1 'polydeoxyribonucleotide'
;(DT)(DA)(DC)(DA)(DG)(DA)(DT)(DT)(DC)(DG)(DT)(DG)(DT)(DA)(DG)(DC)(DT)(DA)(DC)(DA)
(DC)(DG)(DA)(DA)(DT)(DC)(DT)(DG)(DT)
;
D,C
2 'polypeptide(L)'
;(MSE)AFDECACYTTRRAARQLGQAYDRALRPSGLTNTQFSTLAVISLSEGSAGIDLT(MSE)SELAARIGVERTTLTRN
LEV(MSE)RRDGLVRV(MSE)AGADARCKRIELTAKGRAALQKAVPLWRGVQAEVTASVGDWPRVRRDIANLGQAAEACR
LVPR
;
A,B
#
loop_
_chem_comp.id
_chem_comp.type
_chem_comp.name
_chem_comp.formula
DA DNA linking 2'-DEOXYADENOSINE-5'-MONOPHOSPHATE 'C10 H14 N5 O6 P'
DC DNA linking 2'-DEOXYCYTIDINE-5'-MONOPHOSPHATE 'C9 H14 N3 O7 P'
DG DNA linking 2'-DEOXYGUANOSINE-5'-MONOPHOSPHATE 'C10 H14 N5 O7 P'
DT DNA linking THYMIDINE-5'-MONOPHOSPHATE 'C10 H15 N2 O8 P'
PO4 non-polymer 'PHOSPHATE ION' 'O4 P -3'
#
# COMPACT_ATOMS: atom_id res chain seq x y z
N GLU C 5 -15.49 -3.99 6.88
CA GLU C 5 -15.51 -2.98 5.84
C GLU C 5 -14.49 -1.88 6.13
N CYS C 6 -13.35 -2.30 6.68
CA CYS C 6 -12.29 -1.37 7.11
C CYS C 6 -11.86 -0.42 6.00
N ALA C 7 -11.42 0.77 6.42
CA ALA C 7 -10.95 1.78 5.47
C ALA C 7 -9.58 1.39 4.93
N CYS C 8 -8.80 0.73 5.78
CA CYS C 8 -7.47 0.28 5.39
C CYS C 8 -7.54 -0.89 4.42
N TYR C 9 -8.40 -1.86 4.71
CA TYR C 9 -8.57 -3.03 3.84
C TYR C 9 -8.88 -2.61 2.41
N THR C 10 -9.89 -1.75 2.25
CA THR C 10 -10.25 -1.26 0.92
C THR C 10 -9.05 -0.56 0.27
N THR C 11 -8.48 0.39 1.00
CA THR C 11 -7.41 1.23 0.45
C THR C 11 -6.12 0.46 0.16
N ARG C 12 -5.72 -0.43 1.06
CA ARG C 12 -4.47 -1.16 0.88
C ARG C 12 -4.57 -2.28 -0.13
N ARG C 13 -5.67 -3.02 -0.10
CA ARG C 13 -5.90 -4.10 -1.06
C ARG C 13 -5.95 -3.54 -2.47
N ALA C 14 -6.64 -2.41 -2.63
CA ALA C 14 -6.73 -1.77 -3.93
C ALA C 14 -5.34 -1.35 -4.40
N ALA C 15 -4.61 -0.68 -3.52
CA ALA C 15 -3.26 -0.21 -3.82
C ALA C 15 -2.32 -1.37 -4.17
N ARG C 16 -2.52 -2.51 -3.52
CA ARG C 16 -1.73 -3.71 -3.81
C ARG C 16 -1.95 -4.17 -5.24
N GLN C 17 -3.22 -4.30 -5.63
CA GLN C 17 -3.57 -4.68 -6.99
C GLN C 17 -3.09 -3.62 -7.97
N LEU C 18 -3.32 -2.36 -7.62
CA LEU C 18 -2.86 -1.23 -8.41
C LEU C 18 -1.36 -1.27 -8.62
N GLY C 19 -0.61 -1.33 -7.52
CA GLY C 19 0.84 -1.39 -7.58
C GLY C 19 1.34 -2.58 -8.37
N GLN C 20 0.61 -3.69 -8.29
CA GLN C 20 0.98 -4.89 -9.00
C GLN C 20 0.84 -4.72 -10.51
N ALA C 21 -0.25 -4.08 -10.92
CA ALA C 21 -0.52 -3.85 -12.32
C ALA C 21 0.45 -2.84 -12.91
N TYR C 22 0.75 -1.80 -12.14
CA TYR C 22 1.65 -0.75 -12.59
C TYR C 22 3.09 -1.27 -12.75
N ASP C 23 3.50 -2.18 -11.88
CA ASP C 23 4.83 -2.77 -11.96
C ASP C 23 4.92 -3.72 -13.15
N ARG C 24 3.83 -4.45 -13.39
CA ARG C 24 3.74 -5.38 -14.51
C ARG C 24 3.85 -4.63 -15.84
N ALA C 25 3.38 -3.39 -15.84
CA ALA C 25 3.40 -2.55 -17.03
C ALA C 25 4.72 -1.84 -17.22
N LEU C 26 5.29 -1.36 -16.11
CA LEU C 26 6.54 -0.59 -16.16
C LEU C 26 7.78 -1.46 -16.28
N ARG C 27 7.59 -2.77 -16.42
CA ARG C 27 8.70 -3.72 -16.52
C ARG C 27 9.76 -3.41 -17.60
N PRO C 28 9.34 -3.04 -18.83
CA PRO C 28 10.37 -2.74 -19.83
C PRO C 28 11.27 -1.56 -19.44
N SER C 29 10.77 -0.63 -18.64
CA SER C 29 11.56 0.50 -18.18
C SER C 29 12.35 0.14 -16.93
N GLY C 30 12.16 -1.08 -16.44
CA GLY C 30 12.90 -1.59 -15.29
C GLY C 30 12.56 -0.89 -13.99
N LEU C 31 11.48 -0.11 -13.98
CA LEU C 31 11.10 0.65 -12.80
C LEU C 31 9.90 0.07 -12.06
N THR C 32 9.85 0.33 -10.76
CA THR C 32 8.66 0.04 -9.97
C THR C 32 7.86 1.32 -9.87
N ASN C 33 6.64 1.23 -9.36
CA ASN C 33 5.78 2.40 -9.26
C ASN C 33 6.28 3.43 -8.25
N THR C 34 6.89 2.96 -7.16
CA THR C 34 7.43 3.84 -6.14
C THR C 34 8.61 4.62 -6.73
N GLN C 35 9.53 3.89 -7.34
CA GLN C 35 10.67 4.48 -8.04
C GLN C 35 10.23 5.54 -9.02
N PHE C 36 9.21 5.20 -9.81
CA PHE C 36 8.65 6.10 -10.81
C PHE C 36 8.19 7.40 -10.18
N SER C 37 7.28 7.29 -9.22
CA SER C 37 6.69 8.43 -8.56
C SER C 37 7.75 9.34 -7.95
N THR C 38 8.77 8.75 -7.33
CA THR C 38 9.88 9.52 -6.78
C THR C 38 10.56 10.32 -7.87
N LEU C 39 10.99 9.62 -8.93
CA LEU C 39 11.66 10.25 -10.07
C LEU C 39 10.85 11.41 -10.64
N ALA C 40 9.56 11.16 -10.84
CA ALA C 40 8.66 12.17 -11.39
C ALA C 40 8.63 13.42 -10.51
N VAL C 41 8.57 13.22 -9.20
CA VAL C 41 8.57 14.33 -8.27
C VAL C 41 9.89 15.10 -8.34
N ILE C 42 11.00 14.37 -8.38
CA ILE C 42 12.32 14.99 -8.45
C ILE C 42 12.49 15.73 -9.78
N SER C 43 11.95 15.15 -10.84
CA SER C 43 12.05 15.75 -12.16
C SER C 43 11.24 17.03 -12.27
N LEU C 44 10.05 17.03 -11.66
CA LEU C 44 9.21 18.22 -11.66
C LEU C 44 9.89 19.33 -10.85
N SER C 45 10.59 18.93 -9.80
CA SER C 45 11.29 19.89 -8.95
C SER C 45 12.77 20.02 -9.31
N GLU C 46 13.06 20.86 -10.29
CA GLU C 46 14.43 21.09 -10.70
C GLU C 46 14.93 22.45 -10.22
N GLY C 47 16.15 22.48 -9.70
CA GLY C 47 16.74 23.70 -9.17
C GLY C 47 16.37 23.95 -7.72
N SER C 48 16.59 25.19 -7.28
CA SER C 48 16.29 25.60 -5.91
C SER C 48 17.01 24.76 -4.87
N ASP C 52 15.46 23.18 -1.77
CA ASP C 52 14.15 22.68 -1.37
C ASP C 52 14.17 21.15 -1.34
N LEU C 53 14.93 20.56 -2.26
CA LEU C 53 15.13 19.12 -2.33
C LEU C 53 15.90 18.57 -1.13
N THR C 54 15.19 18.06 -0.14
CA THR C 54 15.80 17.47 1.05
C THR C 54 15.24 16.08 1.31
N MSE C 55 15.75 15.41 2.34
CA MSE C 55 15.19 14.13 2.75
C MSE C 55 13.81 14.32 3.35
O MSE C 55 12.90 13.53 3.10
CB MSE C 55 16.13 13.43 3.73
CG MSE C 55 17.46 13.03 3.11
SE MSE C 55 17.19 11.78 1.64
CE MSE C 55 16.04 10.50 2.57
N SER C 56 13.65 15.39 4.13
CA SER C 56 12.39 15.67 4.82
C SER C 56 11.28 16.09 3.85
N GLU C 57 11.62 16.97 2.90
CA GLU C 57 10.64 17.51 1.97
C GLU C 57 10.11 16.44 1.01
N LEU C 58 11.02 15.72 0.37
CA LEU C 58 10.63 14.68 -0.57
C LEU C 58 9.79 13.62 0.11
N ALA C 59 10.17 13.29 1.34
CA ALA C 59 9.38 12.38 2.16
C ALA C 59 7.97 12.91 2.35
N ALA C 60 7.88 14.19 2.72
CA ALA C 60 6.60 14.84 2.95
C ALA C 60 5.79 14.95 1.67
N ARG C 61 6.47 15.25 0.57
CA ARG C 61 5.80 15.43 -0.72
C ARG C 61 5.28 14.11 -1.29
N ILE C 62 6.13 13.10 -1.30
CA ILE C 62 5.74 11.79 -1.81
C ILE C 62 4.74 11.11 -0.86
N GLY C 63 4.78 11.49 0.41
CA GLY C 63 3.86 10.95 1.39
C GLY C 63 4.40 9.68 2.00
N VAL C 64 5.69 9.70 2.32
CA VAL C 64 6.39 8.53 2.84
C VAL C 64 7.23 8.99 4.03
N GLU C 65 7.52 8.10 4.96
CA GLU C 65 8.41 8.46 6.06
C GLU C 65 9.83 8.52 5.51
N ARG C 66 10.60 9.48 5.97
CA ARG C 66 11.91 9.78 5.39
C ARG C 66 12.87 8.58 5.35
N THR C 67 12.80 7.73 6.37
CA THR C 67 13.70 6.57 6.46
C THR C 67 13.38 5.55 5.39
N THR C 68 12.12 5.49 4.98
CA THR C 68 11.73 4.61 3.90
C THR C 68 12.33 5.13 2.60
N LEU C 69 12.22 6.44 2.42
CA LEU C 69 12.79 7.10 1.25
C LEU C 69 14.30 6.98 1.26
N THR C 70 14.88 6.98 2.46
CA THR C 70 16.32 6.78 2.63
C THR C 70 16.74 5.47 1.99
N ARG C 71 16.07 4.39 2.37
CA ARG C 71 16.35 3.06 1.81
C ARG C 71 16.01 3.02 0.32
N ASN C 72 14.87 3.60 -0.04
CA ASN C 72 14.40 3.58 -1.42
C ASN C 72 15.37 4.27 -2.37
N LEU C 73 15.91 5.40 -1.94
CA LEU C 73 16.86 6.14 -2.75
C LEU C 73 18.12 5.32 -2.95
N GLU C 74 18.57 4.65 -1.89
CA GLU C 74 19.79 3.84 -1.95
C GLU C 74 19.69 2.77 -3.02
N VAL C 75 18.51 2.19 -3.17
CA VAL C 75 18.23 1.24 -4.22
C VAL C 75 18.34 1.90 -5.59
N MSE C 76 17.94 3.17 -5.67
CA MSE C 76 17.99 3.92 -6.92
C MSE C 76 19.38 4.48 -7.22
O MSE C 76 19.80 4.53 -8.38
CB MSE C 76 16.96 5.05 -6.92
CG MSE C 76 15.53 4.57 -6.68
SE MSE C 76 14.24 6.04 -6.51
CE MSE C 76 13.07 5.26 -5.14
N ARG C 77 20.10 4.90 -6.17
CA ARG C 77 21.48 5.33 -6.32
C ARG C 77 22.33 4.17 -6.80
N ARG C 78 22.00 2.97 -6.32
CA ARG C 78 22.63 1.73 -6.76
C ARG C 78 22.48 1.59 -8.27
N ASP C 79 21.26 1.81 -8.75
CA ASP C 79 20.96 1.71 -10.17
C ASP C 79 21.51 2.91 -10.93
N GLY C 80 22.07 3.87 -10.20
CA GLY C 80 22.66 5.05 -10.81
C GLY C 80 21.62 5.98 -11.39
N LEU C 81 20.46 6.03 -10.76
CA LEU C 81 19.37 6.87 -11.22
C LEU C 81 19.40 8.23 -10.51
N VAL C 82 19.92 8.23 -9.29
CA VAL C 82 19.94 9.45 -8.48
C VAL C 82 21.28 9.65 -7.77
N ARG C 83 21.56 10.90 -7.44
CA ARG C 83 22.74 11.24 -6.64
C ARG C 83 22.30 11.94 -5.36
N VAL C 84 23.14 11.88 -4.33
CA VAL C 84 22.90 12.64 -3.11
C VAL C 84 24.07 13.58 -2.86
N MSE C 85 23.77 14.80 -2.42
CA MSE C 85 24.80 15.81 -2.18
C MSE C 85 24.48 16.62 -0.92
O MSE C 85 23.31 16.88 -0.64
CB MSE C 85 24.94 16.74 -3.38
CG MSE C 85 25.56 16.10 -4.62
SE MSE C 85 27.32 15.33 -4.27
CE MSE C 85 28.11 16.75 -3.20
N ALA C 86 25.51 17.00 -0.19
CA ALA C 86 25.31 17.80 1.02
C ALA C 86 24.81 19.19 0.66
N GLY C 87 23.91 19.73 1.49
CA GLY C 87 23.35 21.05 1.26
C GLY C 87 24.37 22.16 1.47
N CYS C 92 21.70 18.49 6.03
CA CYS C 92 21.00 18.76 4.77
C CYS C 92 21.56 17.92 3.63
N LYS C 93 20.66 17.42 2.78
CA LYS C 93 21.04 16.63 1.62
C LYS C 93 20.23 17.00 0.39
N ARG C 94 20.90 17.10 -0.76
CA ARG C 94 20.23 17.41 -2.02
C ARG C 94 20.23 16.20 -2.96
N ILE C 95 19.09 15.98 -3.61
CA ILE C 95 18.92 14.84 -4.49
C ILE C 95 18.76 15.31 -5.94
N GLU C 96 19.49 14.65 -6.85
CA GLU C 96 19.41 14.99 -8.27
C GLU C 96 19.25 13.74 -9.12
N LEU C 97 18.55 13.87 -10.24
CA LEU C 97 18.46 12.79 -11.20
C LEU C 97 19.79 12.69 -11.94
N THR C 98 20.07 11.52 -12.52
CA THR C 98 21.23 11.38 -13.38
C THR C 98 20.75 11.45 -14.83
N ALA C 99 21.68 11.34 -15.77
CA ALA C 99 21.32 11.29 -17.18
C ALA C 99 20.44 10.07 -17.40
N LYS C 100 20.79 8.99 -16.71
CA LYS C 100 20.04 7.74 -16.75
C LYS C 100 18.67 7.95 -16.09
N GLY C 101 18.60 8.90 -15.17
CA GLY C 101 17.37 9.20 -14.47
C GLY C 101 16.24 9.61 -15.40
N ARG C 102 16.42 10.72 -16.12
CA ARG C 102 15.44 11.16 -17.09
C ARG C 102 15.33 10.18 -18.24
N ALA C 103 16.43 9.49 -18.53
CA ALA C 103 16.47 8.52 -19.61
C ALA C 103 15.42 7.43 -19.43
N ALA C 104 15.30 6.93 -18.20
CA ALA C 104 14.33 5.89 -17.89
C ALA C 104 12.97 6.49 -17.57
N LEU C 105 12.96 7.68 -17.00
CA LEU C 105 11.72 8.36 -16.64
C LEU C 105 10.90 8.74 -17.86
N GLN C 106 11.55 9.38 -18.82
CA GLN C 106 10.91 9.71 -20.08
C GLN C 106 10.49 8.42 -20.78
N LYS C 107 11.30 7.39 -20.59
CA LYS C 107 11.05 6.08 -21.19
C LYS C 107 9.90 5.35 -20.48
N ALA C 108 9.46 5.90 -19.35
CA ALA C 108 8.41 5.28 -18.57
C ALA C 108 7.05 5.95 -18.76
N VAL C 109 7.07 7.24 -19.12
CA VAL C 109 5.85 8.02 -19.32
C VAL C 109 4.78 7.38 -20.22
N PRO C 110 5.17 6.86 -21.40
CA PRO C 110 4.13 6.24 -22.22
C PRO C 110 3.58 4.97 -21.60
N LEU C 111 4.46 4.19 -20.96
CA LEU C 111 4.06 2.96 -20.29
C LEU C 111 3.08 3.27 -19.16
N TRP C 112 3.25 4.42 -18.54
CA TRP C 112 2.40 4.83 -17.43
C TRP C 112 1.03 5.34 -17.89
N ARG C 113 1.03 6.16 -18.94
CA ARG C 113 -0.23 6.66 -19.50
C ARG C 113 -1.08 5.52 -20.05
N GLY C 114 -0.42 4.45 -20.46
CA GLY C 114 -1.09 3.28 -20.97
C GLY C 114 -2.04 2.68 -19.94
N VAL C 115 -1.52 2.40 -18.74
CA VAL C 115 -2.31 1.74 -17.70
C VAL C 115 -3.36 2.68 -17.10
N GLN C 116 -3.03 3.97 -17.02
CA GLN C 116 -3.96 4.97 -16.51
C GLN C 116 -5.27 4.95 -17.28
N ALA C 117 -5.18 4.96 -18.61
CA ALA C 117 -6.35 4.91 -19.46
C ALA C 117 -7.10 3.59 -19.27
N GLU C 118 -6.36 2.52 -19.01
CA GLU C 118 -6.95 1.20 -18.85
C GLU C 118 -7.72 1.04 -17.55
N VAL C 119 -7.20 1.65 -16.48
CA VAL C 119 -7.78 1.45 -15.15
C VAL C 119 -8.73 2.59 -14.72
N THR C 120 -8.41 3.82 -15.07
CA THR C 120 -9.23 4.95 -14.67
C THR C 120 -10.53 5.04 -15.48
N ALA C 121 -10.59 4.31 -16.58
CA ALA C 121 -11.80 4.28 -17.39
C ALA C 121 -12.86 3.39 -16.73
N TRP C 126 -13.39 10.57 -12.06
CA TRP C 126 -12.31 10.11 -11.19
C TRP C 126 -11.52 11.19 -10.44
N PRO C 127 -11.36 12.39 -11.02
CA PRO C 127 -10.75 13.44 -10.17
C PRO C 127 -11.64 13.76 -8.96
N ARG C 128 -12.92 13.43 -9.08
CA ARG C 128 -13.83 13.49 -7.95
C ARG C 128 -13.37 12.49 -6.89
N VAL C 129 -13.00 11.30 -7.35
CA VAL C 129 -12.54 10.24 -6.45
C VAL C 129 -11.19 10.59 -5.84
N ARG C 130 -10.25 11.02 -6.68
CA ARG C 130 -8.90 11.39 -6.24
C ARG C 130 -8.95 12.40 -5.11
N ARG C 131 -9.83 13.38 -5.26
CA ARG C 131 -10.08 14.38 -4.21
C ARG C 131 -10.42 13.70 -2.89
N ASP C 132 -11.35 12.75 -2.95
CA ASP C 132 -11.82 12.07 -1.75
C ASP C 132 -10.78 11.12 -1.17
N ILE C 133 -10.11 10.38 -2.04
CA ILE C 133 -9.06 9.46 -1.61
C ILE C 133 -7.95 10.23 -0.92
N ALA C 134 -7.58 11.37 -1.50
CA ALA C 134 -6.58 12.24 -0.90
C ALA C 134 -7.09 12.77 0.45
N ASN C 135 -8.37 13.12 0.49
CA ASN C 135 -8.99 13.61 1.73
C ASN C 135 -8.97 12.56 2.82
N LEU C 136 -9.11 11.30 2.42
CA LEU C 136 -9.15 10.19 3.37
C LEU C 136 -7.75 9.90 3.91
N GLY C 137 -6.77 9.90 3.01
CA GLY C 137 -5.38 9.67 3.39
C GLY C 137 -4.90 10.77 4.32
N GLN C 138 -5.36 11.99 4.05
CA GLN C 138 -5.03 13.13 4.88
C GLN C 138 -5.76 13.05 6.23
N ALA C 139 -6.96 12.47 6.19
CA ALA C 139 -7.78 12.34 7.39
C ALA C 139 -7.11 11.45 8.42
N ALA C 140 -6.37 10.46 7.94
CA ALA C 140 -5.69 9.51 8.81
C ALA C 140 -4.41 10.13 9.38
N GLU C 141 -3.68 10.84 8.53
CA GLU C 141 -2.45 11.49 8.94
C GLU C 141 -2.73 12.58 9.96
N ALA C 142 -3.99 13.04 9.98
CA ALA C 142 -4.43 14.00 10.98
C ALA C 142 -4.40 13.35 12.36
N CYS C 143 -4.69 12.06 12.41
CA CYS C 143 -4.71 11.32 13.66
C CYS C 143 -3.32 10.82 14.03
N GLU D 5 -2.69 13.10 -9.39
CA GLU D 5 -2.77 12.79 -10.82
C GLU D 5 -2.79 11.28 -11.07
N CYS D 6 -1.78 10.58 -10.55
CA CYS D 6 -1.69 9.14 -10.72
C CYS D 6 -2.66 8.42 -9.80
N ALA D 7 -3.18 7.29 -10.25
CA ALA D 7 -4.16 6.52 -9.48
C ALA D 7 -3.46 5.53 -8.55
N CYS D 8 -2.34 4.99 -9.02
CA CYS D 8 -1.53 4.08 -8.20
C CYS D 8 -0.87 4.84 -7.06
N TYR D 9 -0.31 5.99 -7.38
CA TYR D 9 0.40 6.81 -6.40
C TYR D 9 -0.52 7.28 -5.27
N THR D 10 -1.57 7.99 -5.64
CA THR D 10 -2.49 8.57 -4.67
C THR D 10 -3.12 7.52 -3.76
N THR D 11 -3.37 6.33 -4.30
CA THR D 11 -3.97 5.26 -3.52
C THR D 11 -2.95 4.64 -2.58
N ARG D 12 -1.78 4.33 -3.12
CA ARG D 12 -0.70 3.74 -2.33
C ARG D 12 -0.29 4.67 -1.20
N ARG D 13 -0.22 5.96 -1.49
CA ARG D 13 0.14 6.95 -0.50
C ARG D 13 -0.88 7.03 0.62
N ALA D 14 -2.15 7.06 0.25
CA ALA D 14 -3.24 7.11 1.22
C ALA D 14 -3.21 5.84 2.09
N ALA D 15 -2.90 4.72 1.46
CA ALA D 15 -2.78 3.45 2.16
C ALA D 15 -1.64 3.50 3.17
N ARG D 16 -0.56 4.18 2.81
CA ARG D 16 0.58 4.36 3.70
C ARG D 16 0.18 5.11 4.95
N GLN D 17 -0.47 6.24 4.75
CA GLN D 17 -0.89 7.09 5.86
C GLN D 17 -1.88 6.34 6.75
N LEU D 18 -2.87 5.72 6.12
CA LEU D 18 -3.86 4.94 6.83
C LEU D 18 -3.23 3.80 7.61
N GLY D 19 -2.29 3.09 6.97
CA GLY D 19 -1.56 2.02 7.62
C GLY D 19 -0.85 2.50 8.88
N GLN D 20 -0.30 3.71 8.83
CA GLN D 20 0.38 4.29 9.98
C GLN D 20 -0.62 4.59 11.09
N ALA D 21 -1.77 5.14 10.72
CA ALA D 21 -2.79 5.53 11.67
C ALA D 21 -3.40 4.31 12.36
N TYR D 22 -3.69 3.27 11.57
CA TYR D 22 -4.29 2.06 12.11
C TYR D 22 -3.30 1.25 12.94
N ASP D 23 -2.02 1.28 12.56
CA ASP D 23 -0.99 0.60 13.33
C ASP D 23 -0.83 1.23 14.71
N ARG D 24 -0.75 2.55 14.75
CA ARG D 24 -0.63 3.29 16.01
C ARG D 24 -1.85 3.06 16.90
N ALA D 25 -3.01 2.96 16.28
CA ALA D 25 -4.26 2.74 17.00
C ALA D 25 -4.31 1.35 17.62
N LEU D 26 -3.80 0.36 16.90
CA LEU D 26 -3.84 -1.03 17.37
C LEU D 26 -2.60 -1.40 18.18
N ARG D 27 -1.77 -0.40 18.48
CA ARG D 27 -0.53 -0.61 19.22
C ARG D 27 -0.62 -1.45 20.50
N PRO D 28 -1.60 -1.15 21.39
CA PRO D 28 -1.64 -1.93 22.63
C PRO D 28 -1.92 -3.44 22.42
N SER D 29 -2.61 -3.78 21.34
CA SER D 29 -2.90 -5.19 21.04
C SER D 29 -1.73 -5.84 20.31
N GLY D 30 -0.69 -5.06 20.04
CA GLY D 30 0.51 -5.56 19.40
C GLY D 30 0.28 -6.09 18.00
N LEU D 31 -0.78 -5.63 17.36
CA LEU D 31 -1.14 -6.08 16.02
C LEU D 31 -0.89 -5.03 14.96
N THR D 32 -0.61 -5.49 13.74
CA THR D 32 -0.50 -4.60 12.59
C THR D 32 -1.87 -4.56 11.93
N ASN D 33 -2.08 -3.58 11.04
CA ASN D 33 -3.35 -3.47 10.34
C ASN D 33 -3.61 -4.66 9.41
N THR D 34 -2.56 -5.16 8.78
CA THR D 34 -2.68 -6.29 7.87
C THR D 34 -3.05 -7.56 8.62
N GLN D 35 -2.38 -7.80 9.74
CA GLN D 35 -2.64 -8.97 10.57
C GLN D 35 -4.06 -8.95 11.10
N PHE D 36 -4.51 -7.78 11.53
CA PHE D 36 -5.88 -7.59 11.99
C PHE D 36 -6.85 -7.99 10.89
N SER D 37 -6.66 -7.41 9.71
CA SER D 37 -7.51 -7.65 8.56
C SER D 37 -7.62 -9.14 8.24
N THR D 38 -6.50 -9.84 8.32
CA THR D 38 -6.46 -11.27 8.06
C THR D 38 -7.20 -12.05 9.13
N LEU D 39 -7.02 -11.63 10.39
CA LEU D 39 -7.69 -12.29 11.52
C LEU D 39 -9.20 -12.22 11.37
N ALA D 40 -9.70 -11.03 11.08
CA ALA D 40 -11.12 -10.79 10.93
C ALA D 40 -11.72 -11.63 9.81
N VAL D 41 -10.98 -11.77 8.71
CA VAL D 41 -11.44 -12.55 7.58
C VAL D 41 -11.56 -14.02 7.95
N ILE D 42 -10.55 -14.53 8.65
CA ILE D 42 -10.59 -15.89 9.18
C ILE D 42 -11.74 -16.04 10.17
N SER D 43 -11.99 -14.98 10.95
CA SER D 43 -13.02 -15.02 11.98
C SER D 43 -14.44 -15.12 11.40
N LEU D 44 -14.61 -14.67 10.15
CA LEU D 44 -15.91 -14.73 9.50
C LEU D 44 -16.40 -16.16 9.30
N SER D 45 -15.48 -17.05 8.92
CA SER D 45 -15.81 -18.45 8.72
C SER D 45 -15.72 -19.23 10.02
N THR D 54 -9.05 -22.81 1.89
CA THR D 54 -7.62 -23.10 1.94
C THR D 54 -6.81 -21.81 1.81
N MSE D 55 -5.52 -21.96 1.60
CA MSE D 55 -4.61 -20.82 1.53
C MSE D 55 -4.87 -19.90 0.33
O MSE D 55 -5.12 -18.71 0.51
CB MSE D 55 -3.16 -21.29 1.51
CG MSE D 55 -2.70 -21.98 2.78
SE MSE D 55 -0.78 -22.20 2.76
CE MSE D 55 -0.25 -20.33 2.66
N SER D 56 -4.78 -20.46 -0.87
CA SER D 56 -4.99 -19.70 -2.10
C SER D 56 -6.37 -19.03 -2.10
N GLU D 57 -7.33 -19.72 -1.51
CA GLU D 57 -8.66 -19.17 -1.33
C GLU D 57 -8.59 -17.96 -0.40
N LEU D 58 -7.87 -18.11 0.71
CA LEU D 58 -7.73 -17.04 1.69
C LEU D 58 -6.97 -15.84 1.13
N ALA D 59 -5.92 -16.11 0.36
CA ALA D 59 -5.12 -15.06 -0.24
C ALA D 59 -5.96 -14.23 -1.20
N ALA D 60 -6.84 -14.90 -1.93
CA ALA D 60 -7.72 -14.24 -2.87
C ALA D 60 -8.68 -13.29 -2.17
N ARG D 61 -9.30 -13.77 -1.09
CA ARG D 61 -10.22 -12.94 -0.32
C ARG D 61 -9.49 -11.81 0.39
N ILE D 62 -8.25 -12.07 0.80
CA ILE D 62 -7.47 -11.04 1.48
C ILE D 62 -7.00 -9.98 0.49
N GLY D 63 -6.59 -10.42 -0.70
CA GLY D 63 -6.19 -9.49 -1.74
C GLY D 63 -4.68 -9.36 -1.86
N VAL D 64 -3.98 -10.44 -1.51
CA VAL D 64 -2.54 -10.50 -1.67
C VAL D 64 -2.17 -11.71 -2.53
N GLU D 65 -0.92 -11.76 -2.98
CA GLU D 65 -0.43 -12.92 -3.71
C GLU D 65 -0.09 -14.02 -2.73
N ARG D 66 0.02 -15.24 -3.25
CA ARG D 66 0.24 -16.43 -2.43
C ARG D 66 1.39 -16.29 -1.44
N THR D 67 2.58 -16.06 -1.97
CA THR D 67 3.81 -16.04 -1.17
C THR D 67 3.77 -14.99 -0.07
N THR D 68 3.08 -13.89 -0.34
CA THR D 68 2.91 -12.84 0.65
C THR D 68 2.14 -13.40 1.86
N LEU D 69 1.03 -14.07 1.59
CA LEU D 69 0.23 -14.69 2.64
C LEU D 69 1.05 -15.70 3.43
N THR D 70 1.87 -16.46 2.72
CA THR D 70 2.72 -17.49 3.33
C THR D 70 3.62 -16.91 4.40
N ARG D 71 4.43 -15.92 4.02
CA ARG D 71 5.34 -15.30 4.96
C ARG D 71 4.61 -14.51 6.05
N ASN D 72 3.46 -13.94 5.71
CA ASN D 72 2.66 -13.23 6.70
C ASN D 72 2.15 -14.16 7.80
N LEU D 73 1.74 -15.36 7.41
CA LEU D 73 1.20 -16.34 8.35
C LEU D 73 2.27 -16.88 9.29
N GLU D 74 3.45 -17.16 8.75
CA GLU D 74 4.57 -17.66 9.56
C GLU D 74 4.89 -16.69 10.70
N VAL D 75 4.79 -15.40 10.39
CA VAL D 75 4.98 -14.36 11.40
C VAL D 75 3.91 -14.46 12.48
N MSE D 76 2.68 -14.80 12.06
CA MSE D 76 1.58 -14.94 12.98
C MSE D 76 1.62 -16.27 13.72
O MSE D 76 1.30 -16.33 14.91
CB MSE D 76 0.24 -14.80 12.24
CG MSE D 76 0.13 -13.54 11.40
SE MSE D 76 -1.63 -13.29 10.62
CE MSE D 76 -1.11 -12.31 9.02
N ARG D 77 2.01 -17.32 13.01
CA ARG D 77 2.16 -18.63 13.63
C ARG D 77 3.22 -18.57 14.73
N ARG D 78 4.30 -17.85 14.47
CA ARG D 78 5.37 -17.67 15.43
C ARG D 78 4.88 -16.90 16.65
N ASP D 79 3.96 -15.98 16.44
CA ASP D 79 3.36 -15.22 17.52
C ASP D 79 2.11 -15.92 18.06
N GLY D 80 1.87 -17.13 17.57
CA GLY D 80 0.79 -17.96 18.08
C GLY D 80 -0.61 -17.45 17.83
N LEU D 81 -0.76 -16.61 16.80
CA LEU D 81 -2.07 -16.08 16.45
C LEU D 81 -2.92 -17.16 15.76
N VAL D 82 -2.37 -17.73 14.69
CA VAL D 82 -3.09 -18.77 13.96
C VAL D 82 -2.31 -20.09 13.93
N ARG D 83 -3.02 -21.17 13.64
CA ARG D 83 -2.39 -22.46 13.44
C ARG D 83 -2.67 -22.96 12.04
N VAL D 84 -1.78 -23.79 11.52
CA VAL D 84 -1.99 -24.41 10.23
C VAL D 84 -2.12 -25.93 10.37
N MSE D 85 -3.19 -26.47 9.81
CA MSE D 85 -3.37 -27.91 9.75
C MSE D 85 -3.18 -28.35 8.32
O MSE D 85 -3.56 -27.65 7.39
CB MSE D 85 -4.76 -28.30 10.25
CG MSE D 85 -5.05 -27.88 11.68
SE MSE D 85 -3.68 -28.48 12.93
CE MSE D 85 -4.50 -27.88 14.59
N ALA D 86 -2.56 -29.51 8.14
CA ALA D 86 -2.40 -30.09 6.81
C ALA D 86 -3.79 -30.38 6.25
N GLY D 87 -3.98 -30.09 4.97
CA GLY D 87 -5.26 -30.33 4.33
C GLY D 87 -5.56 -31.82 4.19
N ALA D 88 -6.80 -32.12 3.83
CA ALA D 88 -7.19 -33.50 3.52
C ALA D 88 -6.34 -34.00 2.36
N ASP D 89 -6.02 -33.10 1.43
CA ASP D 89 -4.99 -33.35 0.43
C ASP D 89 -3.67 -32.86 0.99
N ALA D 90 -2.60 -33.60 0.74
CA ALA D 90 -1.28 -33.20 1.21
C ALA D 90 -0.79 -31.92 0.51
N ARG D 91 -1.47 -31.53 -0.56
CA ARG D 91 -1.11 -30.33 -1.31
C ARG D 91 -1.51 -29.07 -0.57
N CYS D 92 -2.72 -29.08 0.00
CA CYS D 92 -3.30 -27.88 0.59
C CYS D 92 -3.07 -27.77 2.10
N LYS D 93 -3.19 -26.55 2.62
CA LYS D 93 -3.05 -26.27 4.03
C LYS D 93 -4.30 -25.56 4.52
N ARG D 94 -4.80 -25.94 5.70
CA ARG D 94 -5.95 -25.26 6.29
C ARG D 94 -5.54 -24.38 7.46
N ILE D 95 -6.32 -23.34 7.72
CA ILE D 95 -5.95 -22.32 8.69
C ILE D 95 -7.00 -22.12 9.80
N GLU D 96 -6.55 -22.19 11.05
CA GLU D 96 -7.42 -21.95 12.19
C GLU D 96 -6.90 -20.80 13.03
N LEU D 97 -7.79 -20.19 13.82
CA LEU D 97 -7.38 -19.21 14.81
C LEU D 97 -7.08 -19.92 16.12
N THR D 98 -6.03 -19.47 16.80
CA THR D 98 -5.73 -19.97 18.13
C THR D 98 -6.44 -19.11 19.16
N ALA D 99 -6.41 -19.54 20.41
CA ALA D 99 -7.03 -18.80 21.49
C ALA D 99 -6.37 -17.44 21.67
N LYS D 100 -5.05 -17.42 21.53
CA LYS D 100 -4.29 -16.17 21.64
C LYS D 100 -4.69 -15.22 20.52
N GLY D 101 -4.98 -15.79 19.36
CA GLY D 101 -5.41 -15.02 18.20
C GLY D 101 -6.79 -14.41 18.38
N ARG D 102 -7.74 -15.21 18.85
CA ARG D 102 -9.10 -14.73 19.05
C ARG D 102 -9.16 -13.69 20.17
N ALA D 103 -8.31 -13.86 21.18
CA ALA D 103 -8.25 -12.92 22.30
C ALA D 103 -7.60 -11.62 21.84
N ALA D 104 -6.63 -11.73 20.95
CA ALA D 104 -5.97 -10.56 20.40
C ALA D 104 -6.91 -9.76 19.52
N LEU D 105 -7.66 -10.48 18.68
CA LEU D 105 -8.64 -9.87 17.79
C LEU D 105 -9.67 -9.10 18.61
N GLN D 106 -10.19 -9.76 19.65
CA GLN D 106 -11.16 -9.16 20.54
C GLN D 106 -10.60 -7.93 21.23
N LYS D 107 -9.30 -7.92 21.50
CA LYS D 107 -8.66 -6.80 22.16
C LYS D 107 -8.48 -5.63 21.19
N ALA D 108 -8.31 -5.95 19.92
CA ALA D 108 -8.05 -4.93 18.91
C ALA D 108 -9.33 -4.40 18.28
N VAL D 109 -10.40 -5.18 18.36
CA VAL D 109 -11.69 -4.79 17.80
C VAL D 109 -12.19 -3.41 18.28
N PRO D 110 -12.22 -3.17 19.61
CA PRO D 110 -12.69 -1.83 20.01
C PRO D 110 -11.74 -0.72 19.54
N LEU D 111 -10.45 -1.03 19.45
CA LEU D 111 -9.45 -0.03 19.06
C LEU D 111 -9.67 0.38 17.62
N TRP D 112 -10.08 -0.59 16.81
CA TRP D 112 -10.36 -0.35 15.41
C TRP D 112 -11.52 0.63 15.23
N ARG D 113 -12.58 0.46 16.02
CA ARG D 113 -13.73 1.35 15.94
C ARG D 113 -13.37 2.79 16.29
N GLY D 114 -12.48 2.95 17.26
CA GLY D 114 -12.00 4.26 17.67
C GLY D 114 -11.30 5.02 16.57
N VAL D 115 -10.60 4.30 15.71
CA VAL D 115 -9.93 4.94 14.58
C VAL D 115 -10.79 4.90 13.31
N GLN D 116 -11.52 3.80 13.12
CA GLN D 116 -12.42 3.69 11.97
C GLN D 116 -13.43 4.84 11.97
N ALA D 117 -13.91 5.21 13.15
CA ALA D 117 -14.86 6.30 13.27
C ALA D 117 -14.30 7.62 12.76
N GLU D 118 -13.08 7.96 13.19
CA GLU D 118 -12.50 9.27 12.87
C GLU D 118 -12.27 9.50 11.38
N VAL D 119 -11.61 8.57 10.72
CA VAL D 119 -11.30 8.73 9.31
C VAL D 119 -12.55 8.59 8.43
N THR D 120 -13.55 7.89 8.94
CA THR D 120 -14.78 7.71 8.19
C THR D 120 -15.73 8.89 8.42
N ALA D 121 -15.46 9.66 9.47
CA ALA D 121 -16.29 10.80 9.81
C ALA D 121 -16.00 12.02 8.94
N SER D 122 -14.73 12.20 8.61
CA SER D 122 -14.31 13.38 7.84
C SER D 122 -14.44 13.15 6.34
N VAL D 123 -15.68 13.16 5.85
CA VAL D 123 -15.96 12.94 4.43
C VAL D 123 -17.43 13.26 4.17
N GLY D 124 -17.73 13.71 2.96
CA GLY D 124 -19.11 13.98 2.57
C GLY D 124 -19.90 12.70 2.67
N ASP D 125 -19.28 11.60 2.28
CA ASP D 125 -19.88 10.28 2.40
C ASP D 125 -18.83 9.17 2.24
N TRP D 126 -18.76 8.30 3.24
CA TRP D 126 -17.84 7.17 3.21
C TRP D 126 -18.26 5.99 2.30
N PRO D 127 -19.53 5.55 2.36
CA PRO D 127 -19.92 4.43 1.51
C PRO D 127 -19.65 4.64 0.02
N ARG D 128 -19.79 5.88 -0.45
CA ARG D 128 -19.51 6.18 -1.85
C ARG D 128 -18.02 6.06 -2.11
N VAL D 129 -17.21 6.71 -1.28
CA VAL D 129 -15.76 6.62 -1.39
C VAL D 129 -15.32 5.16 -1.37
N ARG D 130 -15.86 4.41 -0.41
CA ARG D 130 -15.51 3.01 -0.24
C ARG D 130 -15.67 2.18 -1.50
N ARG D 131 -16.85 2.27 -2.13
CA ARG D 131 -17.14 1.46 -3.31
C ARG D 131 -16.34 1.92 -4.52
N ASP D 132 -15.92 3.18 -4.51
CA ASP D 132 -15.10 3.71 -5.59
C ASP D 132 -13.72 3.07 -5.55
N ILE D 133 -13.14 3.00 -4.36
CA ILE D 133 -11.84 2.38 -4.17
C ILE D 133 -11.90 0.90 -4.54
N ALA D 134 -12.90 0.20 -4.02
CA ALA D 134 -13.07 -1.23 -4.26
C ALA D 134 -13.09 -1.55 -5.74
N ASN D 135 -13.98 -0.89 -6.47
CA ASN D 135 -14.12 -1.13 -7.90
C ASN D 135 -12.89 -0.70 -8.69
N LEU D 136 -12.13 0.24 -8.14
CA LEU D 136 -10.90 0.70 -8.77
C LEU D 136 -9.81 -0.36 -8.60
N GLY D 137 -9.87 -1.06 -7.47
CA GLY D 137 -8.96 -2.16 -7.22
C GLY D 137 -9.25 -3.31 -8.15
N GLN D 138 -10.54 -3.66 -8.27
CA GLN D 138 -10.96 -4.72 -9.18
C GLN D 138 -10.64 -4.34 -10.61
N ALA D 139 -10.69 -3.05 -10.91
CA ALA D 139 -10.39 -2.55 -12.24
C ALA D 139 -8.94 -2.86 -12.61
N ALA D 140 -8.05 -2.73 -11.62
CA ALA D 140 -6.63 -3.00 -11.83
C ALA D 140 -6.39 -4.49 -12.08
N GLU D 141 -7.18 -5.33 -11.42
CA GLU D 141 -7.05 -6.78 -11.56
C GLU D 141 -7.37 -7.25 -12.98
N ALA D 142 -8.10 -6.44 -13.74
CA ALA D 142 -8.51 -6.82 -15.09
C ALA D 142 -7.34 -6.87 -16.07
N CYS D 143 -6.19 -6.34 -15.67
CA CYS D 143 -5.02 -6.32 -16.54
C CYS D 143 -4.45 -7.72 -16.78
N ARG D 144 -4.92 -8.69 -15.98
CA ARG D 144 -4.51 -10.07 -16.10
C ARG D 144 -4.86 -10.74 -17.43
N LEU D 145 -3.83 -11.03 -18.23
CA LEU D 145 -3.95 -11.80 -19.46
C LEU D 145 -2.57 -11.98 -20.07
P PO4 E . 1.15 -0.72 0.54
O1 PO4 E . -0.26 -0.60 -0.02
O2 PO4 E . 1.53 0.56 1.24
O3 PO4 E . 1.21 -1.88 1.49
O4 PO4 E . 2.11 -0.97 -0.60
#